data_2GIV
#
_entry.id   2GIV
#
_cell.length_a   46.305
_cell.length_b   58.577
_cell.length_c   119.753
_cell.angle_alpha   90.00
_cell.angle_beta   90.00
_cell.angle_gamma   90.00
#
_symmetry.space_group_name_H-M   'P 21 21 21'
#
loop_
_entity.id
_entity.type
_entity.pdbx_description
1 polymer 'Probable histone acetyltransferase MYST1'
2 non-polymer 'ZINC ION'
3 non-polymer 'CHLORIDE ION'
4 non-polymer 'ACETYL COENZYME *A'
5 water water
#
_entity_poly.entity_id   1
_entity_poly.type   'polypeptide(L)'
_entity_poly.pdbx_seq_one_letter_code
;MGSSHHHHHHSSGLVPRGSTKVKYVDKIHIGNYEIDAWYFSPFPEDYGKQPKLWLCEYCLKYMKYEKSYRFHLGQCQWRQ
PPGKEIYRKSNISVHEVDGKDHKIYCQNLCLLAKLFLDH(ALY)TLYFDVEPFVFYILTEVDRQGAHIVGYFSKEKESPD
GNNVACILTLPPYQRRGYGKFLIAFSYELSKLESTVGSPEKPLSDLGKLSYRSYWSWVLLENLRDFRGTLSIKDLSQMTS
ITQNDIISTLQSLNMVKYWKGQHVICVTPKLVEEHLKSAQYKKPPITVDSVCLKWAPPK
;
_entity_poly.pdbx_strand_id   A
#
# COMPACT_ATOMS: atom_id res chain seq x y z
N LYS A 23 -3.70 10.93 26.20
CA LYS A 23 -4.64 9.79 26.57
C LYS A 23 -4.72 8.68 25.53
N TYR A 24 -5.21 8.97 24.31
CA TYR A 24 -4.90 8.14 23.15
C TYR A 24 -3.49 8.51 22.66
N VAL A 25 -2.88 7.63 21.88
CA VAL A 25 -1.63 7.97 21.22
C VAL A 25 -1.91 9.04 20.16
N ASP A 26 -1.19 10.14 20.26
CA ASP A 26 -1.40 11.24 19.31
C ASP A 26 -0.17 11.60 18.53
N LYS A 27 0.97 11.03 18.89
CA LYS A 27 2.20 11.35 18.16
C LYS A 27 3.08 10.10 18.26
N ILE A 28 3.87 9.81 17.22
CA ILE A 28 4.86 8.76 17.33
C ILE A 28 6.18 9.33 16.89
N HIS A 29 7.23 8.74 17.45
CA HIS A 29 8.56 9.02 17.01
C HIS A 29 9.05 7.68 16.43
N ILE A 30 9.38 7.65 15.15
CA ILE A 30 9.91 6.47 14.46
C ILE A 30 11.08 6.90 13.59
N GLY A 31 12.22 6.26 13.76
CA GLY A 31 13.41 6.68 13.02
C GLY A 31 13.77 8.05 13.54
N ASN A 32 14.02 9.02 12.68
CA ASN A 32 14.03 10.38 13.19
C ASN A 32 12.94 11.27 12.58
N TYR A 33 11.73 10.72 12.47
CA TYR A 33 10.50 11.48 12.20
C TYR A 33 9.66 11.39 13.44
N GLU A 34 8.89 12.44 13.67
CA GLU A 34 7.76 12.42 14.55
C GLU A 34 6.52 12.66 13.68
N ILE A 35 5.40 11.94 13.95
CA ILE A 35 4.21 11.99 13.11
C ILE A 35 3.00 12.07 14.00
N ASP A 36 2.13 13.07 13.75
CA ASP A 36 0.87 13.19 14.55
C ASP A 36 -0.10 12.15 14.00
N ALA A 37 -0.95 11.62 14.89
CA ALA A 37 -1.99 10.62 14.56
C ALA A 37 -3.16 11.25 13.78
N TRP A 38 -3.85 10.45 12.97
CA TRP A 38 -5.02 10.94 12.32
C TRP A 38 -6.20 10.30 12.92
N TYR A 39 -5.97 9.12 13.51
CA TYR A 39 -7.07 8.35 14.09
C TYR A 39 -6.65 7.62 15.37
N PHE A 40 -7.65 7.19 16.14
CA PHE A 40 -7.46 6.27 17.26
C PHE A 40 -6.82 4.95 16.81
N SER A 41 -5.82 4.49 17.54
CA SER A 41 -5.32 3.14 17.38
C SER A 41 -5.32 2.52 18.79
N PRO A 42 -5.81 1.27 18.90
CA PRO A 42 -5.93 0.61 20.21
C PRO A 42 -4.59 0.01 20.73
N PHE A 43 -3.54 0.80 20.85
CA PHE A 43 -2.35 0.40 21.58
C PHE A 43 -2.80 0.15 23.05
N PRO A 44 -2.13 -0.75 23.77
CA PRO A 44 -2.54 -0.81 25.21
C PRO A 44 -2.54 0.58 25.91
N GLU A 45 -3.43 0.73 26.91
CA GLU A 45 -3.80 2.05 27.42
C GLU A 45 -2.60 2.83 27.99
N ASP A 46 -1.72 2.14 28.73
CA ASP A 46 -0.59 2.81 29.38
C ASP A 46 0.37 3.37 28.31
N TYR A 47 0.30 2.77 27.13
CA TYR A 47 1.00 3.26 25.90
C TYR A 47 0.49 4.65 25.44
N GLY A 48 -0.80 4.92 25.61
CA GLY A 48 -1.31 6.29 25.78
C GLY A 48 -0.54 7.04 26.87
N LYS A 49 0.78 7.13 26.63
CA LYS A 49 1.75 7.75 27.55
C LYS A 49 1.51 9.23 27.57
N GLN A 50 2.13 9.92 26.61
CA GLN A 50 1.54 11.12 26.04
C GLN A 50 0.45 10.54 25.13
N PRO A 51 0.80 9.43 24.45
CA PRO A 51 2.16 9.22 23.93
C PRO A 51 2.31 10.28 22.89
N LYS A 52 3.53 10.83 22.72
CA LYS A 52 4.71 10.04 22.42
C LYS A 52 4.86 8.52 22.71
N LEU A 53 4.58 7.78 21.62
CA LEU A 53 5.04 6.41 21.39
C LEU A 53 6.31 6.44 20.51
N TRP A 54 7.28 5.62 20.87
CA TRP A 54 8.56 5.57 20.25
C TRP A 54 8.65 4.18 19.59
N LEU A 55 8.72 4.15 18.25
CA LEU A 55 8.75 2.89 17.54
C LEU A 55 10.12 2.70 16.96
N CYS A 56 10.74 1.55 17.25
CA CYS A 56 11.80 1.05 16.36
C CYS A 56 11.37 0.97 14.87
N GLU A 57 12.18 1.59 14.02
CA GLU A 57 11.81 1.76 12.61
C GLU A 57 12.03 0.44 11.87
N TYR A 58 12.72 -0.50 12.51
CA TYR A 58 13.11 -1.72 11.80
C TYR A 58 12.29 -2.84 12.25
N CYS A 59 12.12 -3.01 13.57
CA CYS A 59 11.31 -4.12 14.06
C CYS A 59 9.89 -3.67 14.42
N LEU A 60 9.68 -2.34 14.48
CA LEU A 60 8.40 -1.68 14.79
C LEU A 60 7.91 -1.90 16.19
N LYS A 61 8.82 -2.35 17.06
CA LYS A 61 8.50 -2.44 18.48
C LYS A 61 8.10 -1.06 18.98
N TYR A 62 7.03 -1.02 19.78
CA TYR A 62 6.56 0.20 20.43
C TYR A 62 6.97 0.31 21.90
N MET A 63 7.52 1.49 22.25
CA MET A 63 8.00 1.75 23.60
C MET A 63 7.41 3.02 24.13
N LYS A 64 7.48 3.17 25.46
CA LYS A 64 6.87 4.31 26.18
C LYS A 64 7.72 5.54 26.46
N TYR A 65 9.03 5.39 26.45
CA TYR A 65 9.97 6.39 26.91
C TYR A 65 11.13 6.51 25.95
N GLU A 66 11.65 7.71 25.84
CA GLU A 66 12.89 7.96 25.11
C GLU A 66 14.05 7.06 25.60
N LYS A 67 14.18 6.90 26.92
CA LYS A 67 15.18 5.97 27.51
C LYS A 67 15.05 4.50 27.08
N SER A 68 13.85 3.92 27.13
CA SER A 68 13.74 2.53 26.66
C SER A 68 13.92 2.53 25.11
N TYR A 69 13.50 3.62 24.47
CA TYR A 69 13.73 3.77 23.02
C TYR A 69 15.22 3.77 22.66
N ARG A 70 16.00 4.59 23.37
CA ARG A 70 17.42 4.69 23.10
C ARG A 70 18.16 3.38 23.44
N PHE A 71 17.75 2.70 24.53
CA PHE A 71 18.35 1.39 24.87
C PHE A 71 18.09 0.41 23.69
N HIS A 72 16.84 0.32 23.29
CA HIS A 72 16.48 -0.59 22.25
C HIS A 72 17.24 -0.43 20.94
N LEU A 73 17.34 0.84 20.52
CA LEU A 73 18.08 1.26 19.32
C LEU A 73 19.53 0.74 19.37
N GLY A 74 20.17 0.79 20.54
CA GLY A 74 21.57 0.32 20.61
C GLY A 74 21.64 -1.19 20.70
N GLN A 75 20.52 -1.85 20.93
CA GLN A 75 20.49 -3.28 21.11
C GLN A 75 19.96 -4.04 19.91
N CYS A 76 18.90 -3.50 19.30
CA CYS A 76 18.14 -4.16 18.22
C CYS A 76 19.05 -4.33 17.03
N GLN A 77 19.05 -5.53 16.50
CA GLN A 77 19.93 -5.89 15.41
C GLN A 77 19.20 -5.90 14.04
N TRP A 78 17.91 -5.66 14.03
CA TRP A 78 17.17 -5.70 12.76
C TRP A 78 17.57 -4.45 11.97
N ARG A 79 17.76 -4.58 10.66
CA ARG A 79 18.02 -3.39 9.81
C ARG A 79 17.10 -3.33 8.59
N GLN A 80 16.02 -4.10 8.64
CA GLN A 80 15.18 -4.23 7.48
C GLN A 80 13.97 -5.01 7.91
N PRO A 81 12.89 -5.00 7.10
CA PRO A 81 11.80 -5.93 7.45
C PRO A 81 12.21 -7.43 7.42
N PRO A 82 11.39 -8.28 8.10
CA PRO A 82 11.44 -9.71 8.03
C PRO A 82 10.90 -10.17 6.66
N GLY A 83 10.93 -11.46 6.41
CA GLY A 83 10.39 -12.02 5.19
C GLY A 83 11.37 -11.93 4.06
N LYS A 84 10.89 -12.26 2.88
CA LYS A 84 11.68 -12.32 1.66
C LYS A 84 11.64 -10.98 0.88
N GLU A 85 12.80 -10.49 0.53
CA GLU A 85 12.90 -9.37 -0.39
C GLU A 85 12.54 -9.81 -1.84
N ILE A 86 11.28 -9.62 -2.22
CA ILE A 86 10.79 -10.04 -3.54
C ILE A 86 10.90 -8.94 -4.58
N TYR A 87 11.42 -7.76 -4.18
CA TYR A 87 11.65 -6.69 -5.16
C TYR A 87 12.74 -5.75 -4.66
N ARG A 88 13.62 -5.42 -5.59
CA ARG A 88 14.76 -4.57 -5.42
C ARG A 88 15.11 -3.89 -6.78
N LYS A 89 15.04 -2.55 -6.82
CA LYS A 89 15.56 -1.73 -7.93
C LYS A 89 16.04 -0.42 -7.39
N SER A 90 17.31 -0.12 -7.68
CA SER A 90 18.03 0.91 -6.98
C SER A 90 17.85 0.68 -5.50
N ASN A 91 17.49 1.69 -4.71
CA ASN A 91 17.34 1.52 -3.27
C ASN A 91 15.91 1.35 -2.82
N ILE A 92 15.06 0.91 -3.75
CA ILE A 92 13.67 0.64 -3.45
C ILE A 92 13.54 -0.86 -3.34
N SER A 93 13.05 -1.32 -2.19
CA SER A 93 12.65 -2.72 -2.07
C SER A 93 11.30 -3.01 -1.42
N VAL A 94 10.82 -4.21 -1.69
CA VAL A 94 9.60 -4.70 -1.09
C VAL A 94 9.92 -6.01 -0.40
N HIS A 95 9.56 -6.08 0.87
CA HIS A 95 9.60 -7.37 1.62
C HIS A 95 8.20 -7.96 1.74
N GLU A 96 8.04 -9.23 1.35
CA GLU A 96 6.83 -10.00 1.58
C GLU A 96 6.83 -10.68 2.94
N VAL A 97 5.80 -10.47 3.76
CA VAL A 97 5.82 -10.86 5.17
C VAL A 97 4.49 -11.50 5.46
N ASP A 98 4.49 -12.84 5.61
CA ASP A 98 3.29 -13.62 6.00
C ASP A 98 2.93 -13.39 7.46
N GLY A 99 1.72 -12.92 7.74
CA GLY A 99 1.38 -12.57 9.11
C GLY A 99 1.35 -13.79 10.03
N LYS A 100 1.17 -14.98 9.47
CA LYS A 100 1.17 -16.22 10.30
C LYS A 100 2.61 -16.50 10.81
N ASP A 101 3.61 -16.18 10.00
CA ASP A 101 5.00 -16.35 10.37
C ASP A 101 5.72 -15.22 11.09
N HIS A 102 5.19 -14.01 11.08
CA HIS A 102 5.86 -12.90 11.75
C HIS A 102 4.81 -12.08 12.47
N LYS A 103 4.05 -12.79 13.29
CA LYS A 103 2.89 -12.30 13.97
C LYS A 103 3.13 -10.97 14.70
N ILE A 104 4.18 -10.90 15.50
CA ILE A 104 4.35 -9.73 16.36
C ILE A 104 4.63 -8.52 15.47
N TYR A 105 5.55 -8.67 14.53
CA TYR A 105 5.91 -7.59 13.62
C TYR A 105 4.66 -7.06 12.94
N CYS A 106 3.88 -8.00 12.39
CA CYS A 106 2.66 -7.69 11.68
C CYS A 106 1.62 -7.04 12.61
N GLN A 107 1.51 -7.52 13.87
CA GLN A 107 0.63 -6.80 14.81
C GLN A 107 1.12 -5.36 15.07
N ASN A 108 2.43 -5.19 15.20
CA ASN A 108 3.03 -3.84 15.43
C ASN A 108 2.71 -2.89 14.26
N LEU A 109 2.87 -3.42 13.07
CA LEU A 109 2.55 -2.72 11.82
C LEU A 109 1.07 -2.28 11.72
N CYS A 110 0.16 -3.18 12.03
CA CYS A 110 -1.24 -2.87 12.03
C CYS A 110 -1.65 -1.80 13.06
N LEU A 111 -0.99 -1.77 14.20
CA LEU A 111 -1.22 -0.69 15.18
C LEU A 111 -0.70 0.66 14.65
N LEU A 112 0.49 0.63 14.06
CA LEU A 112 1.02 1.80 13.40
C LEU A 112 0.03 2.32 12.33
N ALA A 113 -0.39 1.43 11.41
CA ALA A 113 -1.24 1.80 10.27
C ALA A 113 -2.59 2.36 10.68
N LYS A 114 -3.14 1.81 11.76
CA LYS A 114 -4.45 2.25 12.26
C LYS A 114 -4.42 3.74 12.70
N LEU A 115 -3.23 4.27 12.97
CA LEU A 115 -3.10 5.67 13.31
C LEU A 115 -3.49 6.55 12.11
N PHE A 116 -3.51 5.96 10.91
CA PHE A 116 -3.71 6.78 9.72
C PHE A 116 -4.86 6.23 8.90
N LEU A 117 -5.59 5.26 9.46
CA LEU A 117 -6.71 4.60 8.77
C LEU A 117 -7.91 4.63 9.64
N ASP A 118 -8.98 5.00 9.00
CA ASP A 118 -10.12 5.39 9.72
C ASP A 118 -10.79 4.14 10.27
N HIS A 119 -10.60 3.01 9.61
CA HIS A 119 -11.05 1.72 10.16
C HIS A 119 -10.11 0.60 9.71
N THR A 121 -9.44 -4.02 10.30
CA THR A 121 -9.67 -5.28 11.03
C THR A 121 -8.84 -5.28 12.33
N LEU A 122 -9.19 -6.14 13.29
CA LEU A 122 -8.51 -6.27 14.60
C LEU A 122 -7.03 -6.45 14.43
N TYR A 123 -6.26 -5.69 15.20
CA TYR A 123 -4.83 -5.59 14.92
C TYR A 123 -4.10 -6.89 15.16
N PHE A 124 -4.62 -7.72 16.06
CA PHE A 124 -3.91 -8.94 16.49
C PHE A 124 -4.15 -10.11 15.53
N ASP A 125 -5.21 -9.99 14.72
CA ASP A 125 -5.59 -11.02 13.75
C ASP A 125 -4.94 -10.80 12.36
N VAL A 126 -3.63 -11.05 12.31
CA VAL A 126 -2.78 -10.82 11.16
C VAL A 126 -2.54 -12.10 10.33
N GLU A 127 -2.87 -13.25 10.91
CA GLU A 127 -2.59 -14.48 10.23
C GLU A 127 -3.35 -14.66 8.88
N PRO A 128 -4.59 -14.14 8.74
CA PRO A 128 -5.20 -14.20 7.40
C PRO A 128 -4.56 -13.30 6.30
N PHE A 129 -3.53 -12.54 6.63
CA PHE A 129 -3.00 -11.55 5.66
C PHE A 129 -1.53 -11.79 5.35
N VAL A 130 -1.09 -11.33 4.17
CA VAL A 130 0.31 -11.15 3.85
C VAL A 130 0.51 -9.64 3.65
N PHE A 131 1.67 -9.17 4.04
CA PHE A 131 1.95 -7.76 4.12
C PHE A 131 3.11 -7.57 3.18
N TYR A 132 3.02 -6.53 2.36
CA TYR A 132 4.12 -6.15 1.45
C TYR A 132 4.67 -4.80 1.88
N ILE A 133 5.92 -4.81 2.36
CA ILE A 133 6.53 -3.66 3.04
C ILE A 133 7.48 -3.02 2.08
N LEU A 134 7.24 -1.74 1.82
CA LEU A 134 8.03 -0.94 0.93
C LEU A 134 9.03 -0.16 1.81
N THR A 135 10.31 -0.21 1.41
CA THR A 135 11.39 0.52 2.08
C THR A 135 12.38 1.24 1.14
N GLU A 136 12.99 2.32 1.61
CA GLU A 136 14.07 2.97 0.92
C GLU A 136 15.35 2.57 1.60
N VAL A 137 16.35 2.18 0.82
CA VAL A 137 17.55 1.57 1.41
C VAL A 137 18.71 2.56 1.36
N ASP A 138 19.42 2.74 2.48
CA ASP A 138 20.70 3.43 2.45
C ASP A 138 21.74 2.64 3.26
N ARG A 139 22.89 3.27 3.53
CA ARG A 139 23.99 2.65 4.30
C ARG A 139 23.55 2.13 5.68
N GLN A 140 22.63 2.84 6.33
CA GLN A 140 22.12 2.47 7.67
C GLN A 140 21.20 1.26 7.73
N GLY A 141 20.38 1.10 6.68
CA GLY A 141 19.42 0.00 6.62
C GLY A 141 18.25 0.33 5.71
N ALA A 142 17.17 -0.46 5.80
CA ALA A 142 16.02 -0.32 4.92
C ALA A 142 14.88 0.35 5.71
N HIS A 143 14.54 1.58 5.32
CA HIS A 143 13.63 2.44 6.09
C HIS A 143 12.21 2.39 5.55
N ILE A 144 11.32 1.99 6.42
CA ILE A 144 9.95 1.71 5.98
C ILE A 144 9.26 2.98 5.45
N VAL A 145 8.72 2.85 4.25
CA VAL A 145 8.01 3.95 3.62
C VAL A 145 6.50 3.77 3.74
N GLY A 146 6.01 2.55 3.56
CA GLY A 146 4.60 2.30 3.52
C GLY A 146 4.51 0.80 3.33
N TYR A 147 3.29 0.31 3.06
CA TYR A 147 3.00 -1.10 2.87
C TYR A 147 1.60 -1.23 2.23
N PHE A 148 1.31 -2.40 1.70
CA PHE A 148 -0.07 -2.82 1.63
C PHE A 148 -0.22 -4.23 2.18
N SER A 149 -1.40 -4.52 2.69
CA SER A 149 -1.78 -5.84 3.07
C SER A 149 -2.80 -6.45 2.04
N LYS A 150 -2.80 -7.79 2.05
CA LYS A 150 -3.65 -8.61 1.18
C LYS A 150 -4.15 -9.86 1.95
N GLU A 151 -5.46 -10.06 2.00
CA GLU A 151 -6.02 -11.31 2.48
C GLU A 151 -5.53 -12.48 1.64
N LYS A 152 -4.99 -13.50 2.29
CA LYS A 152 -4.71 -14.76 1.57
C LYS A 152 -5.98 -15.24 0.83
N GLU A 153 -7.14 -15.19 1.48
CA GLU A 153 -8.38 -15.53 0.75
C GLU A 153 -9.41 -14.44 0.89
N SER A 154 -9.69 -13.72 -0.21
CA SER A 154 -10.68 -12.64 -0.16
C SER A 154 -12.10 -13.10 -0.62
N PRO A 155 -13.09 -13.13 0.30
CA PRO A 155 -14.43 -13.45 -0.23
C PRO A 155 -14.90 -12.46 -1.35
N ASP A 156 -14.47 -11.20 -1.31
CA ASP A 156 -14.84 -10.24 -2.34
C ASP A 156 -13.86 -10.02 -3.48
N GLY A 157 -12.82 -10.81 -3.61
CA GLY A 157 -11.87 -10.61 -4.75
C GLY A 157 -10.97 -9.39 -4.62
N ASN A 158 -10.73 -8.97 -3.38
CA ASN A 158 -9.88 -7.82 -3.07
C ASN A 158 -8.36 -8.16 -3.15
N ASN A 159 -7.64 -7.37 -3.92
CA ASN A 159 -6.24 -7.62 -4.06
C ASN A 159 -5.37 -6.71 -3.18
N VAL A 160 -6.04 -5.86 -2.42
CA VAL A 160 -5.41 -5.06 -1.42
C VAL A 160 -6.44 -4.98 -0.34
N ALA A 161 -6.06 -5.15 0.94
CA ALA A 161 -6.95 -4.89 2.07
C ALA A 161 -6.76 -3.45 2.59
N CYS A 162 -5.51 -3.07 2.95
CA CYS A 162 -5.20 -1.71 3.37
C CYS A 162 -3.92 -1.34 2.66
N ILE A 163 -3.83 -0.07 2.25
CA ILE A 163 -2.61 0.52 1.69
C ILE A 163 -2.29 1.84 2.42
N LEU A 164 -1.01 2.11 2.70
CA LEU A 164 -0.58 3.31 3.43
C LEU A 164 0.83 3.72 3.00
N THR A 165 1.02 5.02 2.76
CA THR A 165 2.36 5.63 2.70
C THR A 165 2.39 6.50 3.96
N LEU A 166 3.42 6.34 4.78
CA LEU A 166 3.52 7.13 6.01
C LEU A 166 3.60 8.63 5.67
N PRO A 167 2.88 9.48 6.45
CA PRO A 167 2.74 10.88 6.05
C PRO A 167 4.01 11.59 5.54
N PRO A 168 5.16 11.46 6.22
CA PRO A 168 6.34 12.16 5.67
C PRO A 168 6.78 11.78 4.26
N TYR A 169 6.28 10.68 3.71
CA TYR A 169 6.69 10.21 2.38
C TYR A 169 5.55 10.40 1.40
N GLN A 170 4.44 10.98 1.85
CA GLN A 170 3.27 11.07 0.95
C GLN A 170 3.45 12.06 -0.22
N ARG A 171 2.61 11.93 -1.26
CA ARG A 171 2.71 12.78 -2.49
C ARG A 171 4.06 12.72 -3.20
N ARG A 172 4.62 11.53 -3.34
CA ARG A 172 5.89 11.36 -3.98
C ARG A 172 5.86 10.19 -4.96
N GLY A 173 4.70 9.57 -5.09
CA GLY A 173 4.59 8.43 -5.97
C GLY A 173 4.63 7.07 -5.28
N TYR A 174 4.95 7.03 -4.00
CA TYR A 174 4.98 5.75 -3.27
C TYR A 174 3.64 5.01 -3.22
N GLY A 175 2.54 5.73 -3.05
CA GLY A 175 1.21 5.13 -3.01
C GLY A 175 0.87 4.50 -4.35
N LYS A 176 1.18 5.20 -5.44
CA LYS A 176 0.88 4.63 -6.78
C LYS A 176 1.80 3.46 -7.11
N PHE A 177 3.03 3.49 -6.64
CA PHE A 177 3.92 2.36 -6.73
C PHE A 177 3.35 1.09 -6.10
N LEU A 178 2.91 1.18 -4.85
CA LEU A 178 2.23 0.08 -4.14
C LEU A 178 0.98 -0.42 -4.83
N ILE A 179 0.12 0.50 -5.31
CA ILE A 179 -1.07 0.13 -6.10
C ILE A 179 -0.65 -0.70 -7.34
N ALA A 180 0.32 -0.18 -8.11
CA ALA A 180 0.88 -0.87 -9.29
C ALA A 180 1.39 -2.29 -8.92
N PHE A 181 2.07 -2.36 -7.78
CA PHE A 181 2.72 -3.61 -7.31
C PHE A 181 1.60 -4.61 -6.97
N SER A 182 0.53 -4.14 -6.34
CA SER A 182 -0.59 -5.01 -6.07
C SER A 182 -1.21 -5.59 -7.36
N TYR A 183 -1.23 -4.78 -8.44
CA TYR A 183 -1.73 -5.25 -9.71
C TYR A 183 -0.71 -6.13 -10.44
N GLU A 184 0.58 -5.96 -10.16
CA GLU A 184 1.56 -6.91 -10.70
C GLU A 184 1.34 -8.29 -10.10
N LEU A 185 1.04 -8.35 -8.80
CA LEU A 185 0.79 -9.62 -8.15
C LEU A 185 -0.47 -10.27 -8.73
N SER A 186 -1.54 -9.47 -8.96
CA SER A 186 -2.75 -9.98 -9.62
C SER A 186 -2.54 -10.54 -11.03
N LYS A 187 -1.68 -9.89 -11.80
CA LYS A 187 -1.44 -10.34 -13.17
C LYS A 187 -0.76 -11.71 -13.12
N LEU A 188 0.29 -11.81 -12.31
CA LEU A 188 1.05 -13.05 -12.11
C LEU A 188 0.16 -14.20 -11.64
N GLU A 189 -0.95 -13.87 -10.96
CA GLU A 189 -1.91 -14.85 -10.45
C GLU A 189 -3.04 -15.04 -11.47
N SER A 190 -2.92 -14.39 -12.63
CA SER A 190 -3.90 -14.47 -13.71
C SER A 190 -5.26 -14.11 -13.20
N THR A 191 -5.32 -13.03 -12.44
CA THR A 191 -6.60 -12.68 -11.87
C THR A 191 -6.86 -11.17 -11.88
N VAL A 192 -8.12 -10.78 -11.98
CA VAL A 192 -8.49 -9.38 -11.75
C VAL A 192 -8.63 -9.15 -10.24
N GLY A 193 -8.42 -7.94 -9.78
CA GLY A 193 -8.66 -7.66 -8.35
C GLY A 193 -9.08 -6.21 -8.21
N SER A 194 -9.57 -5.87 -7.04
CA SER A 194 -9.89 -4.52 -6.68
C SER A 194 -9.55 -4.25 -5.19
N PRO A 195 -9.26 -2.99 -4.83
CA PRO A 195 -9.05 -2.77 -3.42
C PRO A 195 -10.32 -2.95 -2.60
N GLU A 196 -10.13 -3.41 -1.36
CA GLU A 196 -11.24 -3.41 -0.43
C GLU A 196 -12.00 -2.06 -0.19
N LYS A 197 -13.34 -2.10 -0.20
CA LYS A 197 -14.22 -0.94 0.00
C LYS A 197 -14.65 -0.80 1.47
N PRO A 198 -14.82 0.42 2.00
CA PRO A 198 -14.65 1.76 1.40
C PRO A 198 -13.21 2.33 1.27
N LEU A 199 -12.98 2.99 0.13
CA LEU A 199 -11.74 3.72 -0.17
C LEU A 199 -11.88 4.99 0.59
N SER A 200 -10.77 5.41 1.19
CA SER A 200 -10.74 6.70 1.83
C SER A 200 -10.71 7.74 0.67
N ASP A 201 -10.95 9.00 0.99
CA ASP A 201 -10.86 10.06 -0.06
C ASP A 201 -9.51 10.03 -0.74
N LEU A 202 -8.45 9.81 0.03
CA LEU A 202 -7.09 9.73 -0.56
C LEU A 202 -6.87 8.45 -1.37
N GLY A 203 -7.47 7.35 -0.91
CA GLY A 203 -7.45 6.12 -1.67
C GLY A 203 -8.09 6.36 -3.03
N LYS A 204 -9.27 6.97 -3.03
CA LYS A 204 -10.04 7.31 -4.21
C LYS A 204 -9.19 8.07 -5.21
N LEU A 205 -8.60 9.21 -4.81
CA LEU A 205 -7.68 9.99 -5.69
C LEU A 205 -6.52 9.16 -6.25
N SER A 206 -5.91 8.32 -5.41
CA SER A 206 -4.72 7.52 -5.85
C SER A 206 -5.08 6.45 -6.83
N TYR A 207 -6.14 5.73 -6.54
CA TYR A 207 -6.61 4.68 -7.45
C TYR A 207 -7.08 5.25 -8.78
N ARG A 208 -7.89 6.34 -8.70
CA ARG A 208 -8.40 6.97 -9.94
C ARG A 208 -7.22 7.43 -10.74
N SER A 209 -6.23 8.02 -10.10
CA SER A 209 -5.07 8.47 -10.83
C SER A 209 -4.29 7.31 -11.51
N TYR A 210 -3.97 6.29 -10.73
CA TYR A 210 -3.27 5.11 -11.27
C TYR A 210 -4.11 4.45 -12.38
N TRP A 211 -5.38 4.16 -12.11
CA TRP A 211 -6.20 3.51 -13.14
C TRP A 211 -6.24 4.34 -14.45
N SER A 212 -6.33 5.67 -14.37
CA SER A 212 -6.41 6.51 -15.62
C SER A 212 -5.10 6.44 -16.39
N TRP A 213 -3.98 6.56 -15.67
CA TRP A 213 -2.67 6.49 -16.34
C TRP A 213 -2.50 5.15 -17.05
N VAL A 214 -2.76 4.06 -16.36
CA VAL A 214 -2.61 2.75 -16.93
C VAL A 214 -3.55 2.54 -18.13
N LEU A 215 -4.83 2.92 -17.99
CA LEU A 215 -5.75 2.73 -19.11
C LEU A 215 -5.37 3.65 -20.29
N LEU A 216 -4.98 4.88 -20.01
CA LEU A 216 -4.48 5.79 -21.08
C LEU A 216 -3.19 5.29 -21.77
N GLU A 217 -2.14 4.98 -21.01
CA GLU A 217 -0.92 4.39 -21.58
C GLU A 217 -1.18 3.11 -22.40
N ASN A 218 -2.16 2.31 -22.00
CA ASN A 218 -2.56 1.14 -22.79
C ASN A 218 -3.22 1.49 -24.13
N LEU A 219 -4.21 2.37 -24.08
CA LEU A 219 -5.05 2.69 -25.24
C LEU A 219 -4.40 3.43 -26.42
N ARG A 220 -3.25 4.06 -26.21
CA ARG A 220 -2.79 5.09 -27.15
C ARG A 220 -2.42 4.55 -28.55
N SER A 227 -11.02 -3.36 -26.53
CA SER A 227 -12.09 -3.93 -25.72
C SER A 227 -11.90 -3.58 -24.21
N ILE A 228 -13.01 -3.54 -23.45
CA ILE A 228 -12.98 -3.33 -21.98
C ILE A 228 -12.61 -4.66 -21.29
N LYS A 229 -13.20 -5.77 -21.76
CA LYS A 229 -12.74 -7.12 -21.43
C LYS A 229 -11.24 -7.29 -21.63
N ASP A 230 -10.71 -6.72 -22.70
CA ASP A 230 -9.29 -6.89 -23.01
C ASP A 230 -8.41 -6.02 -22.14
N LEU A 231 -8.91 -4.83 -21.84
CA LEU A 231 -8.20 -3.96 -20.93
C LEU A 231 -8.13 -4.62 -19.54
N SER A 232 -9.21 -5.29 -19.14
CA SER A 232 -9.28 -6.07 -17.92
C SER A 232 -8.25 -7.22 -17.87
N GLN A 233 -8.27 -8.09 -18.89
CA GLN A 233 -7.26 -9.15 -19.04
C GLN A 233 -5.85 -8.59 -18.92
N MET A 234 -5.58 -7.49 -19.61
CA MET A 234 -4.23 -6.95 -19.69
C MET A 234 -3.64 -6.33 -18.42
N THR A 235 -4.51 -5.86 -17.53
CA THR A 235 -4.10 -4.94 -16.45
C THR A 235 -4.48 -5.51 -15.08
N SER A 236 -5.30 -6.54 -15.08
CA SER A 236 -5.93 -7.06 -13.84
C SER A 236 -6.90 -6.09 -13.10
N ILE A 237 -7.16 -4.92 -13.69
CA ILE A 237 -8.16 -4.00 -13.17
C ILE A 237 -9.56 -4.59 -13.47
N THR A 238 -10.51 -4.50 -12.53
CA THR A 238 -11.85 -4.98 -12.86
C THR A 238 -12.53 -4.15 -13.95
N GLN A 239 -13.40 -4.82 -14.68
CA GLN A 239 -14.31 -4.17 -15.62
C GLN A 239 -15.13 -3.06 -14.98
N ASN A 240 -15.60 -3.23 -13.76
CA ASN A 240 -16.24 -2.10 -13.06
C ASN A 240 -15.31 -0.89 -12.83
N ASP A 241 -14.07 -1.13 -12.41
CA ASP A 241 -13.11 -0.04 -12.22
C ASP A 241 -12.67 0.57 -13.54
N ILE A 242 -12.54 -0.26 -14.57
CA ILE A 242 -12.27 0.26 -15.90
C ILE A 242 -13.40 1.19 -16.36
N ILE A 243 -14.64 0.72 -16.21
CA ILE A 243 -15.80 1.52 -16.66
C ILE A 243 -15.90 2.87 -15.99
N SER A 244 -15.61 2.93 -14.68
CA SER A 244 -15.83 4.19 -13.95
C SER A 244 -14.71 5.16 -14.27
N THR A 245 -13.53 4.60 -14.53
CA THR A 245 -12.41 5.40 -14.96
C THR A 245 -12.62 6.02 -16.35
N LEU A 246 -12.99 5.18 -17.29
CA LEU A 246 -13.29 5.59 -18.66
C LEU A 246 -14.39 6.67 -18.74
N GLN A 247 -15.47 6.48 -17.97
CA GLN A 247 -16.51 7.50 -17.83
C GLN A 247 -15.97 8.87 -17.38
N SER A 248 -15.09 8.87 -16.39
CA SER A 248 -14.45 10.11 -15.89
C SER A 248 -13.42 10.70 -16.88
N LEU A 249 -13.03 9.90 -17.86
CA LEU A 249 -12.15 10.37 -18.93
C LEU A 249 -12.99 10.69 -20.18
N ASN A 250 -14.31 10.56 -20.03
N ASN A 250 -14.30 10.60 -19.98
CA ASN A 250 -15.28 10.72 -21.13
CA ASN A 250 -15.28 10.60 -21.06
C ASN A 250 -15.04 9.75 -22.32
C ASN A 250 -14.85 9.80 -22.28
N MET A 251 -14.61 8.51 -22.06
CA MET A 251 -14.16 7.60 -23.12
C MET A 251 -15.02 6.35 -23.26
N VAL A 252 -16.28 6.52 -22.87
CA VAL A 252 -17.22 5.44 -22.85
C VAL A 252 -18.63 5.94 -23.27
N LYS A 253 -19.30 5.13 -24.05
CA LYS A 253 -20.62 5.46 -24.57
C LYS A 253 -21.60 4.31 -24.29
N TYR A 254 -22.90 4.53 -24.51
CA TYR A 254 -23.93 3.54 -24.24
C TYR A 254 -24.64 3.22 -25.50
N TRP A 255 -24.69 1.92 -25.76
CA TRP A 255 -25.43 1.43 -26.88
C TRP A 255 -26.32 0.31 -26.36
N LYS A 256 -27.62 0.58 -26.42
CA LYS A 256 -28.67 -0.15 -25.71
C LYS A 256 -28.23 -0.54 -24.29
N GLY A 257 -27.81 0.46 -23.51
CA GLY A 257 -27.37 0.24 -22.12
C GLY A 257 -26.00 -0.39 -21.87
N GLN A 258 -25.41 -1.00 -22.91
CA GLN A 258 -24.08 -1.63 -22.84
C GLN A 258 -22.92 -0.63 -23.02
N HIS A 259 -21.85 -0.82 -22.24
CA HIS A 259 -20.72 0.15 -22.12
C HIS A 259 -19.68 -0.11 -23.18
N VAL A 260 -19.49 0.87 -24.06
CA VAL A 260 -18.61 0.70 -25.20
C VAL A 260 -17.48 1.72 -25.11
N ILE A 261 -16.24 1.22 -25.26
CA ILE A 261 -15.09 2.09 -25.30
C ILE A 261 -15.25 3.06 -26.48
N CYS A 262 -14.98 4.32 -26.25
CA CYS A 262 -15.18 5.31 -27.29
C CYS A 262 -14.04 6.30 -27.23
N VAL A 263 -13.00 6.07 -28.02
CA VAL A 263 -11.82 6.93 -27.89
C VAL A 263 -11.12 7.12 -29.23
N THR A 264 -10.37 8.21 -29.31
CA THR A 264 -9.47 8.52 -30.41
C THR A 264 -8.04 8.54 -29.84
N PRO A 265 -7.03 8.09 -30.62
CA PRO A 265 -5.65 8.44 -30.21
C PRO A 265 -5.44 9.95 -29.96
N LYS A 266 -6.32 10.79 -30.54
CA LYS A 266 -6.38 12.24 -30.29
C LYS A 266 -6.28 12.68 -28.85
N LEU A 267 -7.00 12.02 -27.93
CA LEU A 267 -6.61 12.18 -26.53
C LEU A 267 -7.40 11.41 -25.52
N VAL A 268 -6.98 10.19 -25.14
CA VAL A 268 -5.59 9.79 -24.82
C VAL A 268 -4.59 10.95 -24.72
N GLU A 269 -4.77 11.62 -23.58
CA GLU A 269 -4.56 13.07 -23.38
C GLU A 269 -3.16 13.38 -22.98
N GLU A 270 -2.83 13.02 -21.73
CA GLU A 270 -1.51 13.21 -21.14
C GLU A 270 -0.93 14.64 -21.27
N HIS A 271 -1.53 15.57 -20.52
CA HIS A 271 -0.88 16.82 -20.14
C HIS A 271 -0.94 16.86 -18.60
N LEU A 272 -0.65 18.00 -17.98
CA LEU A 272 -0.61 18.08 -16.50
C LEU A 272 -1.68 17.23 -15.83
N PRO A 280 3.60 7.51 -12.65
CA PRO A 280 4.78 8.07 -13.28
C PRO A 280 6.08 8.06 -12.45
N PRO A 281 6.18 8.82 -11.33
CA PRO A 281 7.56 9.05 -10.83
C PRO A 281 8.38 7.75 -10.49
N ILE A 282 7.67 6.72 -10.04
CA ILE A 282 8.30 5.44 -9.72
C ILE A 282 7.38 4.26 -10.09
N THR A 283 7.90 3.37 -10.93
CA THR A 283 7.09 2.28 -11.44
C THR A 283 7.67 0.90 -11.08
N VAL A 284 6.83 -0.10 -11.24
CA VAL A 284 7.23 -1.44 -10.96
C VAL A 284 7.90 -2.02 -12.20
N ASP A 285 9.14 -2.45 -12.05
CA ASP A 285 9.85 -3.11 -13.13
C ASP A 285 9.71 -4.62 -12.94
N SER A 286 8.94 -5.27 -13.83
CA SER A 286 8.59 -6.70 -13.66
C SER A 286 9.85 -7.57 -13.57
N VAL A 287 10.91 -7.11 -14.23
CA VAL A 287 12.24 -7.74 -14.24
C VAL A 287 12.97 -7.72 -12.87
N CYS A 288 12.48 -6.90 -11.95
CA CYS A 288 13.12 -6.75 -10.65
C CYS A 288 12.26 -7.45 -9.60
N LEU A 289 11.20 -8.10 -10.07
CA LEU A 289 10.23 -8.71 -9.22
C LEU A 289 10.50 -10.22 -9.25
N LYS A 290 10.57 -10.80 -8.07
CA LYS A 290 10.87 -12.21 -7.89
C LYS A 290 9.75 -12.84 -7.07
N TRP A 291 8.71 -13.28 -7.76
CA TRP A 291 7.54 -13.78 -7.07
C TRP A 291 6.78 -14.68 -8.01
N ALA A 292 6.26 -15.79 -7.49
CA ALA A 292 5.26 -16.64 -8.21
C ALA A 292 4.02 -16.82 -7.37
N PRO A 293 2.86 -17.01 -8.05
CA PRO A 293 1.53 -17.24 -7.51
C PRO A 293 1.52 -18.30 -6.41
#